data_9I9C
#
_entry.id   9I9C
#
_cell.length_a   89.263
_cell.length_b   127.388
_cell.length_c   62.553
_cell.angle_alpha   90.00
_cell.angle_beta   90.00
_cell.angle_gamma   90.00
#
_symmetry.space_group_name_H-M   'C 2 2 21'
#
loop_
_entity.id
_entity.type
_entity.pdbx_description
1 polymer 'Monoglyceride lipase'
2 non-polymer 1,2-ETHANEDIOL
3 non-polymer [2-(4-cyclopentylpyridin-3-yl)-1,3-benzoxazol-6-yl]-[6-(3-cyclopropyl-1,2,4-triazol-1-yl)-2-azaspiro[3.3]heptan-2-yl]methanone
4 water water
#
_entity_poly.entity_id   1
_entity_poly.type   'polypeptide(L)'
_entity_poly.pdbx_seq_one_letter_code
;MGSSHHHHHHSSGENLYFQGMPEESSPRRTPQSIPYQDLPHLVNADGQYLFCRYWAPTGTPKALIFVSHGAGEHSGRYEE
LARMLMGLDLLVFAHDHVGHGQSEGERMVVSDFHVFVRDVLQHVDSMQKDYPGLPVFLLGHSMGGAIAILTAAERPGHFA
GMVLISPLVLANPESATTFKVLAAKVLNSVLPNLSSGPIDSSVLSRNKTEVDIYNSDPLICRAGLKVCFGIQLLNAVSRV
ERALPKLTVPFLLLQGSADRLCDSKGAYLLMELAKSQDKTLKIYEGAYHVLHKELPEVTNSVFHEINMWVSQRTATAGTA
SPP
;
_entity_poly.pdbx_strand_id   A
#
# COMPACT_ATOMS: atom_id res chain seq x y z
N PRO A 27 16.68 -20.81 15.17
CA PRO A 27 16.17 -20.40 13.86
C PRO A 27 15.43 -19.07 13.91
N ARG A 28 15.49 -18.35 12.79
CA ARG A 28 14.92 -17.01 12.73
C ARG A 28 13.40 -17.07 12.75
N ARG A 29 12.82 -16.17 13.55
CA ARG A 29 11.37 -16.21 13.75
C ARG A 29 10.71 -14.85 13.52
N THR A 30 9.42 -14.89 13.19
CA THR A 30 8.64 -13.67 13.04
C THR A 30 8.56 -12.97 14.39
N PRO A 31 8.10 -11.72 14.43
CA PRO A 31 7.87 -11.07 15.73
C PRO A 31 6.85 -11.81 16.58
N GLN A 32 6.06 -12.70 15.98
CA GLN A 32 5.09 -13.52 16.69
C GLN A 32 5.64 -14.91 17.01
N SER A 33 6.96 -15.10 16.88
CA SER A 33 7.68 -16.30 17.29
CA SER A 33 7.67 -16.30 17.29
C SER A 33 7.46 -17.50 16.37
N ILE A 34 7.02 -17.29 15.13
CA ILE A 34 6.89 -18.40 14.18
C ILE A 34 8.16 -18.50 13.35
N PRO A 35 8.78 -19.68 13.25
CA PRO A 35 9.99 -19.79 12.41
C PRO A 35 9.70 -19.42 10.97
N TYR A 36 10.57 -18.57 10.40
CA TYR A 36 10.43 -18.24 8.98
C TYR A 36 10.55 -19.48 8.10
N GLN A 37 11.22 -20.53 8.58
CA GLN A 37 11.31 -21.74 7.78
C GLN A 37 9.94 -22.40 7.59
N ASP A 38 8.95 -22.02 8.41
CA ASP A 38 7.60 -22.53 8.31
C ASP A 38 6.68 -21.65 7.47
N LEU A 39 7.19 -20.55 6.89
CA LEU A 39 6.35 -19.57 6.21
C LEU A 39 6.98 -19.13 4.92
N PRO A 40 6.17 -18.79 3.92
CA PRO A 40 6.72 -18.15 2.72
C PRO A 40 7.39 -16.84 3.11
N HIS A 41 8.57 -16.59 2.55
CA HIS A 41 9.33 -15.43 2.98
C HIS A 41 10.33 -15.03 1.90
N LEU A 42 10.97 -13.89 2.13
CA LEU A 42 11.98 -13.32 1.25
C LEU A 42 12.91 -12.52 2.15
N VAL A 43 14.20 -12.62 1.94
CA VAL A 43 15.15 -11.82 2.70
C VAL A 43 15.51 -10.58 1.88
N ASN A 44 15.34 -9.40 2.47
CA ASN A 44 15.57 -8.17 1.72
C ASN A 44 17.05 -7.81 1.72
N ALA A 45 17.38 -6.71 1.03
CA ALA A 45 18.78 -6.32 0.86
C ALA A 45 19.47 -5.96 2.17
N ASP A 46 18.70 -5.70 3.23
CA ASP A 46 19.23 -5.40 4.54
C ASP A 46 19.31 -6.64 5.43
N GLY A 47 19.06 -7.81 4.87
CA GLY A 47 19.11 -9.04 5.64
C GLY A 47 17.90 -9.28 6.52
N GLN A 48 16.78 -8.58 6.26
CA GLN A 48 15.58 -8.72 7.05
C GLN A 48 14.59 -9.64 6.34
N TYR A 49 13.96 -10.52 7.12
CA TYR A 49 12.98 -11.44 6.57
C TYR A 49 11.65 -10.73 6.38
N LEU A 50 11.08 -10.85 5.19
CA LEU A 50 9.74 -10.38 4.90
C LEU A 50 8.80 -11.57 4.76
N PHE A 51 7.68 -11.53 5.48
CA PHE A 51 6.66 -12.56 5.32
C PHE A 51 5.93 -12.35 4.00
N CYS A 52 5.73 -13.41 3.22
CA CYS A 52 5.12 -13.33 1.90
C CYS A 52 3.80 -14.08 1.83
N ARG A 53 2.92 -13.64 0.91
CA ARG A 53 1.66 -14.30 0.61
C ARG A 53 1.48 -14.47 -0.89
N TYR A 54 0.88 -15.59 -1.27
CA TYR A 54 0.64 -15.91 -2.67
C TYR A 54 -0.77 -16.45 -2.83
N TRP A 55 -1.44 -16.01 -3.90
CA TRP A 55 -2.73 -16.56 -4.29
C TRP A 55 -2.65 -16.84 -5.78
N ALA A 56 -2.52 -18.11 -6.13
CA ALA A 56 -2.30 -18.46 -7.53
C ALA A 56 -3.49 -19.21 -8.11
N PRO A 57 -3.88 -18.96 -9.35
CA PRO A 57 -4.98 -19.70 -9.95
C PRO A 57 -4.55 -21.13 -10.28
N THR A 58 -5.55 -21.98 -10.48
CA THR A 58 -5.28 -23.36 -10.83
C THR A 58 -4.74 -23.50 -12.25
N GLY A 59 -5.04 -22.54 -13.13
CA GLY A 59 -4.54 -22.57 -14.49
C GLY A 59 -3.36 -21.64 -14.70
N THR A 60 -2.98 -21.50 -15.96
CA THR A 60 -1.86 -20.62 -16.30
C THR A 60 -2.25 -19.18 -16.03
N PRO A 61 -1.44 -18.43 -15.27
CA PRO A 61 -1.81 -17.06 -14.95
C PRO A 61 -1.77 -16.18 -16.19
N LYS A 62 -2.66 -15.19 -16.21
CA LYS A 62 -2.66 -14.20 -17.27
C LYS A 62 -1.73 -13.03 -16.96
N ALA A 63 -1.45 -12.78 -15.69
CA ALA A 63 -0.63 -11.65 -15.27
C ALA A 63 -0.28 -11.87 -13.81
N LEU A 64 0.69 -11.09 -13.34
CA LEU A 64 1.05 -11.03 -11.93
C LEU A 64 0.54 -9.71 -11.37
N ILE A 65 0.20 -9.71 -10.08
CA ILE A 65 -0.18 -8.45 -9.43
C ILE A 65 0.33 -8.45 -8.00
N PHE A 66 1.10 -7.43 -7.65
CA PHE A 66 1.60 -7.27 -6.29
C PHE A 66 0.66 -6.37 -5.50
N VAL A 67 0.31 -6.81 -4.30
CA VAL A 67 -0.55 -6.02 -3.39
C VAL A 67 0.32 -5.38 -2.33
N SER A 68 0.27 -4.05 -2.26
CA SER A 68 1.10 -3.22 -1.39
C SER A 68 0.21 -2.61 -0.31
N HIS A 69 0.33 -3.12 0.92
CA HIS A 69 -0.48 -2.65 2.03
C HIS A 69 0.02 -1.31 2.57
N GLY A 70 -0.77 -0.73 3.47
CA GLY A 70 -0.46 0.57 4.03
C GLY A 70 0.17 0.51 5.41
N ALA A 71 0.34 1.70 6.00
CA ALA A 71 1.00 1.81 7.29
C ALA A 71 0.19 1.13 8.38
N GLY A 72 0.89 0.45 9.28
CA GLY A 72 0.24 -0.15 10.42
C GLY A 72 -0.41 -1.50 10.15
N GLU A 73 -0.90 -1.71 8.94
CA GLU A 73 -1.64 -2.94 8.63
C GLU A 73 -0.67 -3.98 8.07
N HIS A 74 -1.17 -4.94 7.32
CA HIS A 74 -0.35 -6.04 6.81
C HIS A 74 -1.12 -6.71 5.67
N SER A 75 -0.43 -7.64 4.99
CA SER A 75 -0.96 -8.21 3.76
C SER A 75 -2.19 -9.08 3.99
N GLY A 76 -2.37 -9.59 5.21
CA GLY A 76 -3.54 -10.41 5.50
C GLY A 76 -4.86 -9.67 5.42
N ARG A 77 -4.82 -8.35 5.42
CA ARG A 77 -6.02 -7.53 5.27
CA ARG A 77 -6.06 -7.60 5.29
C ARG A 77 -6.58 -7.57 3.85
N TYR A 78 -5.87 -8.19 2.91
CA TYR A 78 -6.22 -8.16 1.50
C TYR A 78 -6.73 -9.49 0.99
N GLU A 79 -7.12 -10.38 1.90
CA GLU A 79 -7.50 -11.73 1.54
C GLU A 79 -8.61 -11.75 0.49
N GLU A 80 -9.68 -10.98 0.72
CA GLU A 80 -10.82 -11.06 -0.18
C GLU A 80 -10.51 -10.42 -1.53
N LEU A 81 -9.86 -9.25 -1.54
CA LEU A 81 -9.45 -8.64 -2.81
C LEU A 81 -8.54 -9.58 -3.57
N ALA A 82 -7.56 -10.17 -2.88
CA ALA A 82 -6.62 -11.06 -3.54
C ALA A 82 -7.33 -12.26 -4.12
N ARG A 83 -8.29 -12.82 -3.39
CA ARG A 83 -9.01 -13.96 -3.93
C ARG A 83 -9.87 -13.58 -5.14
N MET A 84 -10.42 -12.36 -5.15
CA MET A 84 -11.13 -11.89 -6.33
C MET A 84 -10.18 -11.84 -7.53
N LEU A 85 -8.99 -11.26 -7.34
CA LEU A 85 -8.04 -11.11 -8.44
C LEU A 85 -7.56 -12.47 -8.92
N MET A 86 -7.34 -13.40 -7.99
CA MET A 86 -6.98 -14.75 -8.38
CA MET A 86 -6.98 -14.76 -8.37
C MET A 86 -8.09 -15.40 -9.19
N GLY A 87 -9.35 -15.10 -8.87
CA GLY A 87 -10.46 -15.60 -9.66
C GLY A 87 -10.47 -15.09 -11.08
N LEU A 88 -9.80 -13.97 -11.34
CA LEU A 88 -9.59 -13.46 -12.69
C LEU A 88 -8.40 -14.10 -13.38
N ASP A 89 -7.82 -15.14 -12.78
CA ASP A 89 -6.66 -15.86 -13.31
C ASP A 89 -5.37 -15.05 -13.21
N LEU A 90 -5.30 -14.11 -12.28
CA LEU A 90 -4.04 -13.47 -11.97
C LEU A 90 -3.37 -14.18 -10.82
N LEU A 91 -2.04 -14.17 -10.84
CA LEU A 91 -1.27 -14.67 -9.71
C LEU A 91 -0.99 -13.46 -8.81
N VAL A 92 -1.59 -13.47 -7.63
CA VAL A 92 -1.50 -12.35 -6.70
C VAL A 92 -0.40 -12.67 -5.70
N PHE A 93 0.42 -11.68 -5.39
CA PHE A 93 1.47 -11.87 -4.40
C PHE A 93 1.62 -10.60 -3.57
N ALA A 94 2.18 -10.76 -2.37
CA ALA A 94 2.32 -9.66 -1.43
C ALA A 94 3.39 -10.04 -0.43
N HIS A 95 3.86 -9.04 0.29
CA HIS A 95 4.61 -9.28 1.51
C HIS A 95 4.24 -8.21 2.53
N ASP A 96 4.51 -8.50 3.79
CA ASP A 96 4.42 -7.45 4.80
C ASP A 96 5.65 -6.57 4.70
N HIS A 97 5.44 -5.26 4.58
CA HIS A 97 6.56 -4.33 4.55
C HIS A 97 7.38 -4.47 5.83
N VAL A 98 8.67 -4.14 5.74
CA VAL A 98 9.52 -4.13 6.91
CA VAL A 98 9.54 -4.09 6.91
C VAL A 98 8.82 -3.34 8.03
N GLY A 99 8.95 -3.84 9.26
CA GLY A 99 8.34 -3.21 10.40
C GLY A 99 6.85 -3.47 10.56
N HIS A 100 6.26 -4.32 9.70
CA HIS A 100 4.83 -4.56 9.72
C HIS A 100 4.53 -6.04 9.79
N GLY A 101 3.36 -6.34 10.36
CA GLY A 101 2.83 -7.70 10.32
C GLY A 101 3.82 -8.74 10.80
N GLN A 102 4.04 -9.74 9.96
CA GLN A 102 4.89 -10.88 10.29
C GLN A 102 6.30 -10.73 9.72
N SER A 103 6.62 -9.58 9.16
CA SER A 103 7.99 -9.32 8.71
C SER A 103 8.83 -8.80 9.87
N GLU A 104 10.15 -8.86 9.69
CA GLU A 104 11.06 -8.38 10.70
C GLU A 104 11.11 -6.86 10.71
N GLY A 105 11.83 -6.33 11.69
CA GLY A 105 12.05 -4.90 11.81
C GLY A 105 11.34 -4.33 13.02
N GLU A 106 11.97 -3.35 13.67
CA GLU A 106 11.30 -2.57 14.69
C GLU A 106 9.97 -2.07 14.13
N ARG A 107 8.91 -2.21 14.93
CA ARG A 107 7.56 -1.93 14.43
C ARG A 107 7.44 -0.49 14.00
N MET A 108 6.94 -0.29 12.77
CA MET A 108 6.67 1.02 12.20
CA MET A 108 6.66 1.05 12.28
C MET A 108 7.89 1.94 12.29
N VAL A 109 9.05 1.40 11.96
N VAL A 109 9.02 1.37 11.91
CA VAL A 109 10.22 2.20 11.67
CA VAL A 109 10.26 2.10 11.68
C VAL A 109 10.76 1.77 10.32
C VAL A 109 10.74 1.75 10.29
N VAL A 110 11.31 2.73 9.59
CA VAL A 110 11.96 2.46 8.31
C VAL A 110 13.11 3.46 8.17
N SER A 111 14.28 2.97 7.76
CA SER A 111 15.43 3.86 7.70
C SER A 111 15.24 4.94 6.65
N ASP A 112 14.61 4.58 5.53
CA ASP A 112 14.21 5.55 4.52
C ASP A 112 13.05 4.93 3.76
N PHE A 113 12.10 5.78 3.36
CA PHE A 113 10.91 5.28 2.70
C PHE A 113 11.24 4.41 1.49
N HIS A 114 12.37 4.68 0.82
CA HIS A 114 12.68 3.92 -0.39
C HIS A 114 12.93 2.45 -0.11
N VAL A 115 13.21 2.08 1.15
CA VAL A 115 13.33 0.67 1.52
C VAL A 115 12.09 -0.09 1.07
N PHE A 116 10.91 0.50 1.27
CA PHE A 116 9.67 -0.17 0.89
C PHE A 116 9.63 -0.41 -0.61
N VAL A 117 10.04 0.58 -1.39
CA VAL A 117 10.04 0.49 -2.85
C VAL A 117 11.05 -0.56 -3.31
N ARG A 118 12.27 -0.47 -2.77
CA ARG A 118 13.31 -1.45 -3.09
C ARG A 118 12.81 -2.87 -2.85
N ASP A 119 12.12 -3.08 -1.72
CA ASP A 119 11.71 -4.45 -1.38
C ASP A 119 10.58 -4.92 -2.28
N VAL A 120 9.65 -4.03 -2.65
CA VAL A 120 8.66 -4.40 -3.66
C VAL A 120 9.35 -4.83 -4.95
N LEU A 121 10.34 -4.05 -5.39
CA LEU A 121 11.02 -4.37 -6.64
C LEU A 121 11.76 -5.71 -6.56
N GLN A 122 12.37 -6.00 -5.41
CA GLN A 122 13.02 -7.31 -5.26
C GLN A 122 12.01 -8.42 -5.44
N HIS A 123 10.85 -8.31 -4.77
CA HIS A 123 9.86 -9.35 -4.85
C HIS A 123 9.29 -9.47 -6.26
N VAL A 124 9.02 -8.33 -6.91
CA VAL A 124 8.56 -8.35 -8.30
C VAL A 124 9.59 -9.02 -9.19
N ASP A 125 10.86 -8.65 -9.03
CA ASP A 125 11.90 -9.23 -9.90
C ASP A 125 12.02 -10.73 -9.69
N SER A 126 11.89 -11.18 -8.44
CA SER A 126 11.94 -12.59 -8.14
CA SER A 126 11.94 -12.60 -8.16
C SER A 126 10.78 -13.34 -8.80
N MET A 127 9.57 -12.77 -8.73
CA MET A 127 8.41 -13.43 -9.33
C MET A 127 8.51 -13.45 -10.85
N GLN A 128 9.02 -12.38 -11.45
CA GLN A 128 9.12 -12.36 -12.90
C GLN A 128 10.09 -13.40 -13.43
N LYS A 129 11.10 -13.77 -12.64
CA LYS A 129 11.96 -14.87 -13.04
C LYS A 129 11.21 -16.19 -13.04
N ASP A 130 10.49 -16.47 -11.95
CA ASP A 130 9.73 -17.71 -11.88
C ASP A 130 8.58 -17.74 -12.88
N TYR A 131 8.07 -16.57 -13.27
CA TYR A 131 6.94 -16.45 -14.19
C TYR A 131 7.28 -15.46 -15.29
N PRO A 132 8.19 -15.83 -16.19
CA PRO A 132 8.65 -14.88 -17.21
C PRO A 132 7.57 -14.61 -18.24
N GLY A 133 7.66 -13.43 -18.86
CA GLY A 133 6.75 -13.03 -19.90
C GLY A 133 5.38 -12.60 -19.45
N LEU A 134 5.12 -12.55 -18.15
CA LEU A 134 3.79 -12.12 -17.75
C LEU A 134 3.78 -10.63 -17.45
N PRO A 135 2.69 -9.94 -17.82
CA PRO A 135 2.51 -8.57 -17.36
C PRO A 135 2.40 -8.53 -15.85
N VAL A 136 2.88 -7.43 -15.26
CA VAL A 136 2.86 -7.25 -13.81
CA VAL A 136 2.88 -7.25 -13.81
C VAL A 136 2.09 -5.98 -13.48
N PHE A 137 1.12 -6.10 -12.57
CA PHE A 137 0.33 -4.99 -12.08
C PHE A 137 0.71 -4.71 -10.63
N LEU A 138 0.36 -3.52 -10.18
CA LEU A 138 0.50 -3.14 -8.78
C LEU A 138 -0.86 -2.73 -8.25
N LEU A 139 -1.14 -3.12 -7.02
CA LEU A 139 -2.31 -2.63 -6.31
C LEU A 139 -1.83 -2.08 -4.98
N GLY A 140 -2.17 -0.84 -4.68
CA GLY A 140 -1.74 -0.26 -3.42
C GLY A 140 -2.80 0.59 -2.76
N HIS A 141 -2.88 0.51 -1.44
CA HIS A 141 -3.81 1.31 -0.66
C HIS A 141 -3.01 2.21 0.26
N SER A 142 -3.38 3.49 0.32
CA SER A 142 -2.88 4.40 1.36
C SER A 142 -1.37 4.53 1.22
N MET A 143 -0.58 4.33 2.29
CA MET A 143 0.88 4.37 2.14
C MET A 143 1.32 3.39 1.07
N GLY A 144 0.65 2.24 0.98
CA GLY A 144 1.00 1.28 -0.06
C GLY A 144 0.75 1.80 -1.45
N GLY A 145 -0.19 2.73 -1.60
CA GLY A 145 -0.38 3.38 -2.89
C GLY A 145 0.76 4.31 -3.24
N ALA A 146 1.29 5.04 -2.25
CA ALA A 146 2.49 5.83 -2.51
C ALA A 146 3.67 4.95 -2.89
N ILE A 147 3.83 3.81 -2.22
CA ILE A 147 4.86 2.85 -2.60
C ILE A 147 4.65 2.40 -4.04
N ALA A 148 3.40 2.10 -4.41
CA ALA A 148 3.12 1.66 -5.77
C ALA A 148 3.49 2.74 -6.78
N ILE A 149 3.09 3.99 -6.52
CA ILE A 149 3.44 5.10 -7.41
C ILE A 149 4.94 5.19 -7.59
N LEU A 150 5.68 5.16 -6.48
CA LEU A 150 7.13 5.31 -6.56
C LEU A 150 7.79 4.09 -7.22
N THR A 151 7.20 2.91 -7.03
CA THR A 151 7.70 1.71 -7.69
C THR A 151 7.54 1.81 -9.20
N ALA A 152 6.36 2.23 -9.66
CA ALA A 152 6.14 2.39 -11.09
C ALA A 152 7.01 3.49 -11.66
N ALA A 153 7.21 4.57 -10.90
CA ALA A 153 8.01 5.68 -11.42
C ALA A 153 9.47 5.29 -11.57
N GLU A 154 9.93 4.32 -10.80
CA GLU A 154 11.31 3.88 -10.89
C GLU A 154 11.54 3.01 -12.12
N ARG A 155 10.50 2.36 -12.63
CA ARG A 155 10.61 1.45 -13.77
C ARG A 155 9.60 1.86 -14.84
N PRO A 156 9.77 3.03 -15.45
CA PRO A 156 8.79 3.48 -16.43
C PRO A 156 8.69 2.51 -17.59
N GLY A 157 7.46 2.20 -17.98
CA GLY A 157 7.23 1.26 -19.06
C GLY A 157 7.19 -0.20 -18.66
N HIS A 158 7.51 -0.53 -17.41
CA HIS A 158 7.62 -1.94 -17.04
C HIS A 158 6.35 -2.54 -16.47
N PHE A 159 5.52 -1.75 -15.79
CA PHE A 159 4.30 -2.26 -15.20
C PHE A 159 3.12 -2.07 -16.16
N ALA A 160 2.23 -3.07 -16.18
CA ALA A 160 1.07 -3.03 -17.06
C ALA A 160 -0.01 -2.11 -16.53
N GLY A 161 -0.04 -1.85 -15.24
CA GLY A 161 -1.08 -1.03 -14.68
C GLY A 161 -0.98 -0.95 -13.18
N MET A 162 -1.67 0.00 -12.59
CA MET A 162 -1.67 0.22 -11.15
CA MET A 162 -1.69 0.18 -11.15
C MET A 162 -3.11 0.45 -10.71
N VAL A 163 -3.52 -0.21 -9.64
CA VAL A 163 -4.80 0.04 -8.99
C VAL A 163 -4.48 0.74 -7.68
N LEU A 164 -5.00 1.95 -7.49
CA LEU A 164 -4.71 2.75 -6.31
C LEU A 164 -6.01 2.98 -5.54
N ILE A 165 -6.04 2.53 -4.30
CA ILE A 165 -7.17 2.75 -3.40
C ILE A 165 -6.72 3.81 -2.41
N SER A 166 -7.28 5.01 -2.51
CA SER A 166 -6.95 6.15 -1.67
CA SER A 166 -6.95 6.14 -1.66
C SER A 166 -5.44 6.23 -1.40
N PRO A 167 -4.63 6.37 -2.44
CA PRO A 167 -3.18 6.40 -2.23
C PRO A 167 -2.75 7.66 -1.50
N LEU A 168 -1.64 7.54 -0.78
CA LEU A 168 -1.07 8.68 -0.07
C LEU A 168 -0.39 9.57 -1.09
N VAL A 169 -1.09 10.60 -1.53
CA VAL A 169 -0.53 11.64 -2.38
C VAL A 169 -0.40 12.94 -1.62
N LEU A 170 -1.46 13.33 -0.90
CA LEU A 170 -1.40 14.38 0.10
C LEU A 170 -1.99 13.84 1.39
N ALA A 171 -1.29 14.07 2.50
CA ALA A 171 -1.86 13.74 3.79
C ALA A 171 -2.94 14.76 4.14
N ASN A 172 -3.76 14.43 5.13
CA ASN A 172 -4.73 15.39 5.64
C ASN A 172 -4.01 16.69 5.98
N PRO A 173 -4.46 17.84 5.46
CA PRO A 173 -3.70 19.07 5.67
C PRO A 173 -3.57 19.45 7.13
N GLU A 174 -4.63 19.25 7.92
CA GLU A 174 -4.59 19.55 9.34
C GLU A 174 -3.61 18.63 10.06
N SER A 175 -3.70 17.32 9.81
CA SER A 175 -2.75 16.39 10.41
C SER A 175 -1.33 16.71 10.01
N ALA A 176 -1.11 17.05 8.73
CA ALA A 176 0.25 17.31 8.26
C ALA A 176 0.85 18.52 8.96
N THR A 177 0.05 19.58 9.11
CA THR A 177 0.56 20.81 9.71
C THR A 177 1.00 20.57 11.15
N THR A 178 0.14 19.96 11.97
CA THR A 178 0.50 19.70 13.35
C THR A 178 1.61 18.67 13.47
N PHE A 179 1.61 17.66 12.59
CA PHE A 179 2.71 16.70 12.64
C PHE A 179 4.04 17.36 12.33
N LYS A 180 4.05 18.30 11.38
CA LYS A 180 5.30 18.96 11.01
C LYS A 180 5.92 19.71 12.18
N VAL A 181 5.10 20.11 13.16
CA VAL A 181 5.64 20.72 14.38
C VAL A 181 6.38 19.67 15.21
N LEU A 182 5.79 18.48 15.37
CA LEU A 182 6.50 17.40 16.03
C LEU A 182 7.77 17.05 15.29
N ALA A 183 7.69 16.99 13.95
CA ALA A 183 8.88 16.66 13.16
C ALA A 183 10.00 17.65 13.41
N ALA A 184 9.67 18.91 13.65
CA ALA A 184 10.69 19.91 13.93
C ALA A 184 11.46 19.57 15.20
N LYS A 185 10.78 19.02 16.19
CA LYS A 185 11.48 18.70 17.44
C LYS A 185 12.45 17.57 17.15
N VAL A 186 11.96 16.51 16.51
CA VAL A 186 12.81 15.34 16.30
C VAL A 186 13.96 15.66 15.36
N LEU A 187 13.75 16.54 14.39
CA LEU A 187 14.81 16.86 13.44
C LEU A 187 15.87 17.80 14.02
N ASN A 188 15.52 18.60 15.03
CA ASN A 188 16.46 19.53 15.62
C ASN A 188 17.06 19.04 16.93
N SER A 189 16.47 18.01 17.53
CA SER A 189 16.95 17.47 18.81
C SER A 189 17.09 15.95 18.68
N VAL A 190 17.59 15.32 19.73
CA VAL A 190 17.68 13.87 19.80
C VAL A 190 16.51 13.40 20.65
N LEU A 191 15.42 13.00 20.01
CA LEU A 191 14.20 12.56 20.68
C LEU A 191 13.72 11.29 20.02
N PRO A 192 14.34 10.15 20.33
CA PRO A 192 14.08 8.92 19.55
C PRO A 192 12.74 8.26 19.83
N ASN A 193 12.04 8.62 20.90
CA ASN A 193 10.83 7.91 21.28
C ASN A 193 9.57 8.71 21.02
N LEU A 194 9.68 9.90 20.45
CA LEU A 194 8.52 10.78 20.30
C LEU A 194 7.55 10.17 19.29
N SER A 195 6.25 10.20 19.64
CA SER A 195 5.20 9.67 18.79
C SER A 195 4.06 10.67 18.73
N SER A 196 3.29 10.60 17.63
CA SER A 196 2.03 11.32 17.56
C SER A 196 0.98 10.59 18.37
N GLY A 197 -0.13 11.26 18.64
CA GLY A 197 -1.27 10.60 19.22
C GLY A 197 -1.86 9.61 18.24
N PRO A 198 -2.50 8.56 18.73
CA PRO A 198 -3.10 7.58 17.82
C PRO A 198 -4.26 8.21 17.04
N ILE A 199 -4.45 7.71 15.82
CA ILE A 199 -5.62 8.15 15.04
C ILE A 199 -6.86 7.46 15.57
N ASP A 200 -7.99 8.13 15.42
CA ASP A 200 -9.25 7.51 15.80
C ASP A 200 -9.68 6.57 14.69
N SER A 201 -9.74 5.26 15.01
CA SER A 201 -10.06 4.26 14.01
CA SER A 201 -10.07 4.25 14.01
C SER A 201 -11.41 4.50 13.34
N SER A 202 -12.31 5.24 13.99
CA SER A 202 -13.63 5.47 13.39
C SER A 202 -13.57 6.30 12.11
N VAL A 203 -12.48 7.03 11.86
CA VAL A 203 -12.37 7.79 10.62
C VAL A 203 -11.89 6.93 9.46
N LEU A 204 -11.49 5.69 9.74
CA LEU A 204 -10.98 4.84 8.66
C LEU A 204 -12.09 4.32 7.77
N SER A 205 -13.29 4.15 8.30
CA SER A 205 -14.37 3.57 7.52
C SER A 205 -15.68 3.82 8.24
N ARG A 206 -16.73 4.06 7.45
CA ARG A 206 -18.07 4.19 8.03
C ARG A 206 -18.64 2.86 8.45
N ASN A 207 -18.03 1.76 8.00
CA ASN A 207 -18.48 0.41 8.35
C ASN A 207 -17.92 0.08 9.73
N LYS A 208 -18.79 0.16 10.75
CA LYS A 208 -18.34 -0.03 12.12
C LYS A 208 -17.82 -1.44 12.36
N THR A 209 -18.40 -2.44 11.68
CA THR A 209 -17.90 -3.80 11.82
C THR A 209 -16.47 -3.92 11.31
N GLU A 210 -16.16 -3.27 10.18
CA GLU A 210 -14.79 -3.31 9.70
C GLU A 210 -13.86 -2.60 10.66
N VAL A 211 -14.30 -1.48 11.26
CA VAL A 211 -13.47 -0.81 12.25
C VAL A 211 -13.20 -1.73 13.44
N ASP A 212 -14.23 -2.42 13.93
CA ASP A 212 -14.05 -3.31 15.08
C ASP A 212 -13.10 -4.46 14.75
N ILE A 213 -13.16 -4.96 13.51
CA ILE A 213 -12.25 -6.03 13.09
C ILE A 213 -10.81 -5.52 13.07
N TYR A 214 -10.61 -4.34 12.50
CA TYR A 214 -9.29 -3.71 12.47
C TYR A 214 -8.75 -3.53 13.88
N ASN A 215 -9.60 -3.10 14.82
CA ASN A 215 -9.18 -2.91 16.19
C ASN A 215 -8.91 -4.22 16.94
N SER A 216 -9.31 -5.36 16.37
CA SER A 216 -9.16 -6.64 17.02
C SER A 216 -8.00 -7.46 16.48
N ASP A 217 -7.40 -7.03 15.37
CA ASP A 217 -6.37 -7.82 14.72
C ASP A 217 -5.02 -7.61 15.42
N PRO A 218 -4.48 -8.63 16.07
CA PRO A 218 -3.19 -8.45 16.77
C PRO A 218 -2.03 -8.13 15.85
N LEU A 219 -2.17 -8.35 14.55
CA LEU A 219 -1.06 -8.08 13.63
C LEU A 219 -1.02 -6.62 13.18
N ILE A 220 -2.02 -5.84 13.55
CA ILE A 220 -2.08 -4.44 13.15
C ILE A 220 -1.50 -3.60 14.27
N CYS A 221 -0.62 -2.68 13.91
CA CYS A 221 -0.08 -1.72 14.87
C CYS A 221 -0.97 -0.49 14.85
N ARG A 222 -1.69 -0.26 15.94
CA ARG A 222 -2.57 0.88 16.05
C ARG A 222 -2.01 1.96 16.96
N ALA A 223 -0.74 1.82 17.37
CA ALA A 223 -0.11 2.84 18.19
C ALA A 223 0.06 4.13 17.41
N GLY A 224 0.22 5.22 18.16
CA GLY A 224 0.52 6.48 17.53
C GLY A 224 1.76 6.40 16.67
N LEU A 225 1.77 7.19 15.60
CA LEU A 225 2.88 7.17 14.67
C LEU A 225 4.15 7.68 15.34
N LYS A 226 5.21 6.88 15.28
CA LYS A 226 6.51 7.39 15.71
C LYS A 226 6.91 8.52 14.77
N VAL A 227 7.47 9.59 15.35
CA VAL A 227 7.76 10.77 14.54
C VAL A 227 8.72 10.45 13.39
N CYS A 228 9.71 9.58 13.63
CA CYS A 228 10.62 9.22 12.55
CA CYS A 228 10.62 9.21 12.56
C CYS A 228 9.87 8.56 11.39
N PHE A 229 8.85 7.77 11.69
CA PHE A 229 8.08 7.14 10.62
C PHE A 229 7.22 8.16 9.89
N GLY A 230 6.56 9.05 10.64
CA GLY A 230 5.79 10.09 9.99
C GLY A 230 6.63 10.98 9.10
N ILE A 231 7.89 11.22 9.48
CA ILE A 231 8.81 11.93 8.61
C ILE A 231 9.02 11.18 7.30
N GLN A 232 9.09 9.85 7.36
CA GLN A 232 9.20 9.08 6.12
C GLN A 232 7.92 9.16 5.29
N LEU A 233 6.76 9.31 5.94
CA LEU A 233 5.54 9.54 5.17
C LEU A 233 5.55 10.92 4.51
N LEU A 234 6.13 11.91 5.20
CA LEU A 234 6.32 13.21 4.55
C LEU A 234 7.27 13.09 3.38
N ASN A 235 8.32 12.27 3.52
CA ASN A 235 9.22 12.02 2.40
C ASN A 235 8.47 11.35 1.26
N ALA A 236 7.59 10.39 1.57
CA ALA A 236 6.79 9.74 0.53
C ALA A 236 5.98 10.77 -0.24
N VAL A 237 5.31 11.68 0.48
CA VAL A 237 4.52 12.72 -0.18
C VAL A 237 5.39 13.58 -1.09
N SER A 238 6.57 14.00 -0.59
CA SER A 238 7.46 14.84 -1.39
CA SER A 238 7.45 14.83 -1.39
C SER A 238 7.94 14.08 -2.62
N ARG A 239 8.24 12.79 -2.47
CA ARG A 239 8.75 12.02 -3.59
C ARG A 239 7.65 11.69 -4.60
N VAL A 240 6.43 11.45 -4.13
CA VAL A 240 5.31 11.26 -5.05
C VAL A 240 5.11 12.51 -5.90
N GLU A 241 5.20 13.69 -5.26
CA GLU A 241 5.02 14.93 -5.99
C GLU A 241 6.03 15.06 -7.13
N ARG A 242 7.29 14.71 -6.87
CA ARG A 242 8.32 14.78 -7.91
C ARG A 242 8.16 13.68 -8.95
N ALA A 243 7.53 12.56 -8.58
CA ALA A 243 7.37 11.43 -9.50
C ALA A 243 6.21 11.61 -10.48
N LEU A 244 5.19 12.38 -10.11
CA LEU A 244 4.02 12.50 -10.96
C LEU A 244 4.32 12.86 -12.41
N PRO A 245 5.11 13.90 -12.72
CA PRO A 245 5.37 14.23 -14.13
C PRO A 245 6.13 13.16 -14.87
N LYS A 246 6.62 12.13 -14.19
CA LYS A 246 7.27 10.99 -14.84
C LYS A 246 6.37 9.78 -14.97
N LEU A 247 5.26 9.75 -14.24
CA LEU A 247 4.43 8.57 -14.18
C LEU A 247 3.65 8.42 -15.47
N THR A 248 3.81 7.27 -16.13
CA THR A 248 3.11 6.97 -17.39
C THR A 248 2.30 5.69 -17.32
N VAL A 249 2.40 4.93 -16.23
CA VAL A 249 1.73 3.63 -16.10
C VAL A 249 0.22 3.84 -16.13
N PRO A 250 -0.55 2.96 -16.77
CA PRO A 250 -2.02 3.03 -16.65
C PRO A 250 -2.43 2.89 -15.20
N PHE A 251 -3.49 3.60 -14.80
CA PHE A 251 -3.94 3.44 -13.44
C PHE A 251 -5.43 3.69 -13.29
N LEU A 252 -6.01 2.98 -12.34
CA LEU A 252 -7.34 3.20 -11.82
C LEU A 252 -7.19 3.77 -10.41
N LEU A 253 -7.88 4.87 -10.14
CA LEU A 253 -7.73 5.60 -8.89
C LEU A 253 -9.09 5.69 -8.24
N LEU A 254 -9.22 5.12 -7.04
CA LEU A 254 -10.46 5.11 -6.29
C LEU A 254 -10.27 5.95 -5.03
N GLN A 255 -11.19 6.87 -4.77
CA GLN A 255 -10.98 7.84 -3.71
C GLN A 255 -12.32 8.20 -3.08
N GLY A 256 -12.38 8.20 -1.76
CA GLY A 256 -13.55 8.66 -1.06
C GLY A 256 -13.49 10.16 -0.80
N SER A 257 -14.65 10.81 -0.87
CA SER A 257 -14.67 12.26 -0.73
C SER A 257 -14.48 12.72 0.70
N ALA A 258 -14.64 11.83 1.67
CA ALA A 258 -14.58 12.16 3.09
C ALA A 258 -13.37 11.49 3.74
N ASP A 259 -12.27 11.42 3.02
CA ASP A 259 -11.08 10.70 3.47
C ASP A 259 -10.24 11.60 4.37
N ARG A 260 -10.10 11.20 5.64
CA ARG A 260 -9.37 11.96 6.64
C ARG A 260 -7.91 11.57 6.75
N LEU A 261 -7.46 10.58 5.98
CA LEU A 261 -6.08 10.11 6.00
C LEU A 261 -5.30 10.58 4.78
N CYS A 262 -5.84 10.32 3.59
CA CYS A 262 -5.22 10.72 2.34
C CYS A 262 -6.18 11.70 1.67
N ASP A 263 -5.80 12.97 1.67
CA ASP A 263 -6.77 13.99 1.27
C ASP A 263 -7.17 13.81 -0.18
N SER A 264 -8.47 13.98 -0.44
CA SER A 264 -8.99 13.77 -1.78
C SER A 264 -8.34 14.70 -2.80
N LYS A 265 -7.85 15.86 -2.35
CA LYS A 265 -7.15 16.76 -3.26
C LYS A 265 -5.94 16.08 -3.89
N GLY A 266 -5.30 15.17 -3.18
CA GLY A 266 -4.19 14.43 -3.77
C GLY A 266 -4.62 13.56 -4.92
N ALA A 267 -5.82 12.98 -4.83
CA ALA A 267 -6.34 12.18 -5.94
C ALA A 267 -6.58 13.04 -7.17
N TYR A 268 -7.16 14.24 -6.99
CA TYR A 268 -7.37 15.12 -8.13
C TYR A 268 -6.04 15.58 -8.71
N LEU A 269 -5.04 15.83 -7.86
CA LEU A 269 -3.73 16.27 -8.35
C LEU A 269 -3.03 15.15 -9.11
N LEU A 270 -3.18 13.92 -8.64
CA LEU A 270 -2.63 12.78 -9.36
C LEU A 270 -3.25 12.66 -10.74
N MET A 271 -4.58 12.81 -10.85
CA MET A 271 -5.22 12.77 -12.17
C MET A 271 -4.71 13.88 -13.07
N GLU A 272 -4.45 15.06 -12.50
CA GLU A 272 -4.03 16.18 -13.34
C GLU A 272 -2.56 16.08 -13.72
N LEU A 273 -1.70 15.64 -12.81
CA LEU A 273 -0.26 15.78 -13.03
C LEU A 273 0.42 14.55 -13.61
N ALA A 274 -0.14 13.35 -13.44
CA ALA A 274 0.46 12.18 -14.07
C ALA A 274 0.38 12.30 -15.59
N LYS A 275 1.39 11.77 -16.27
CA LYS A 275 1.40 11.81 -17.73
CA LYS A 275 1.39 11.82 -17.73
C LYS A 275 0.69 10.62 -18.35
N SER A 276 0.26 9.66 -17.53
CA SER A 276 -0.35 8.42 -18.02
CA SER A 276 -0.34 8.42 -18.03
C SER A 276 -1.45 8.72 -19.03
N GLN A 277 -1.41 8.01 -20.15
CA GLN A 277 -2.46 8.10 -21.16
C GLN A 277 -3.72 7.35 -20.76
N ASP A 278 -3.64 6.47 -19.76
CA ASP A 278 -4.78 5.64 -19.35
C ASP A 278 -4.97 5.87 -17.85
N LYS A 279 -5.80 6.84 -17.50
CA LYS A 279 -6.03 7.16 -16.10
C LYS A 279 -7.51 7.42 -15.86
N THR A 280 -8.04 6.82 -14.81
CA THR A 280 -9.44 6.88 -14.48
C THR A 280 -9.57 7.09 -12.99
N LEU A 281 -10.48 7.99 -12.61
CA LEU A 281 -10.76 8.33 -11.22
C LEU A 281 -12.21 8.02 -10.93
N LYS A 282 -12.48 7.32 -9.84
CA LYS A 282 -13.83 7.14 -9.37
C LYS A 282 -13.90 7.68 -7.96
N ILE A 283 -14.81 8.62 -7.73
CA ILE A 283 -15.00 9.24 -6.42
C ILE A 283 -16.20 8.60 -5.76
N TYR A 284 -16.04 8.19 -4.50
CA TYR A 284 -17.13 7.63 -3.70
C TYR A 284 -17.61 8.70 -2.73
N GLU A 285 -18.81 9.23 -2.98
CA GLU A 285 -19.29 10.41 -2.27
C GLU A 285 -19.65 10.05 -0.84
N GLY A 286 -19.01 10.73 0.12
CA GLY A 286 -19.22 10.49 1.53
C GLY A 286 -18.38 9.37 2.12
N ALA A 287 -17.68 8.60 1.29
CA ALA A 287 -16.95 7.45 1.81
C ALA A 287 -15.67 7.87 2.52
N TYR A 288 -15.26 7.06 3.49
CA TYR A 288 -14.06 7.31 4.26
C TYR A 288 -12.84 6.69 3.56
N HIS A 289 -11.73 6.54 4.30
CA HIS A 289 -10.44 6.23 3.70
C HIS A 289 -10.39 4.84 3.10
N VAL A 290 -10.82 3.82 3.83
CA VAL A 290 -10.52 2.42 3.47
C VAL A 290 -11.69 1.90 2.63
N LEU A 291 -11.63 2.22 1.32
CA LEU A 291 -12.77 1.98 0.43
C LEU A 291 -13.11 0.49 0.29
N HIS A 292 -12.11 -0.38 0.34
CA HIS A 292 -12.34 -1.81 0.21
C HIS A 292 -12.80 -2.45 1.52
N LYS A 293 -12.95 -1.65 2.58
CA LYS A 293 -13.52 -2.08 3.84
C LYS A 293 -14.54 -1.05 4.32
N GLU A 294 -15.35 -0.55 3.39
CA GLU A 294 -16.30 0.52 3.67
C GLU A 294 -17.70 -0.08 3.77
N LEU A 295 -18.72 0.76 3.65
CA LEU A 295 -20.08 0.25 3.61
C LEU A 295 -20.23 -0.72 2.44
N PRO A 296 -21.09 -1.74 2.58
CA PRO A 296 -21.19 -2.77 1.53
C PRO A 296 -21.41 -2.23 0.13
N GLU A 297 -22.24 -1.19 -0.03
CA GLU A 297 -22.46 -0.63 -1.36
C GLU A 297 -21.16 -0.10 -1.95
N VAL A 298 -20.33 0.54 -1.12
CA VAL A 298 -19.05 1.05 -1.59
C VAL A 298 -18.10 -0.09 -1.88
N THR A 299 -17.93 -1.00 -0.92
CA THR A 299 -16.99 -2.09 -1.09
C THR A 299 -17.34 -2.95 -2.30
N ASN A 300 -18.62 -3.28 -2.48
CA ASN A 300 -19.01 -4.08 -3.62
C ASN A 300 -18.66 -3.39 -4.93
N SER A 301 -18.86 -2.06 -4.97
CA SER A 301 -18.50 -1.31 -6.16
C SER A 301 -16.99 -1.30 -6.38
N VAL A 302 -16.23 -1.10 -5.30
CA VAL A 302 -14.76 -1.12 -5.38
C VAL A 302 -14.29 -2.43 -5.99
N PHE A 303 -14.82 -3.55 -5.49
CA PHE A 303 -14.41 -4.84 -6.02
C PHE A 303 -14.80 -4.98 -7.49
N HIS A 304 -16.03 -4.56 -7.83
CA HIS A 304 -16.49 -4.67 -9.20
C HIS A 304 -15.66 -3.81 -10.14
N GLU A 305 -15.33 -2.59 -9.72
CA GLU A 305 -14.58 -1.69 -10.59
C GLU A 305 -13.16 -2.20 -10.82
N ILE A 306 -12.51 -2.71 -9.77
CA ILE A 306 -11.18 -3.29 -9.93
C ILE A 306 -11.24 -4.51 -10.84
N ASN A 307 -12.26 -5.36 -10.64
CA ASN A 307 -12.43 -6.52 -11.49
C ASN A 307 -12.51 -6.12 -12.96
N MET A 308 -13.37 -5.15 -13.27
CA MET A 308 -13.52 -4.73 -14.67
C MET A 308 -12.24 -4.12 -15.22
N TRP A 309 -11.59 -3.27 -14.42
CA TRP A 309 -10.41 -2.56 -14.93
C TRP A 309 -9.28 -3.53 -15.22
N VAL A 310 -9.03 -4.48 -14.32
CA VAL A 310 -7.99 -5.46 -14.54
C VAL A 310 -8.39 -6.43 -15.66
N SER A 311 -9.66 -6.85 -15.70
CA SER A 311 -10.11 -7.75 -16.75
C SER A 311 -9.89 -7.15 -18.13
N GLN A 312 -10.26 -5.88 -18.30
CA GLN A 312 -10.10 -5.23 -19.59
CA GLN A 312 -10.10 -5.21 -19.58
C GLN A 312 -8.64 -5.12 -20.01
N ARG A 313 -7.71 -5.14 -19.05
CA ARG A 313 -6.30 -4.96 -19.33
C ARG A 313 -5.49 -6.25 -19.26
N THR A 314 -6.16 -7.39 -19.11
CA THR A 314 -5.51 -8.69 -19.15
C THR A 314 -6.14 -9.63 -20.18
N ALA A 315 -7.17 -9.18 -20.89
CA ALA A 315 -7.85 -9.99 -21.90
C ALA A 315 -6.90 -10.40 -23.03
#